data_6U5A
#
_entry.id   6U5A
#
_cell.length_a   94.288
_cell.length_b   94.288
_cell.length_c   142.022
_cell.angle_alpha   90.000
_cell.angle_beta   90.000
_cell.angle_gamma   120.000
#
_symmetry.space_group_name_H-M   'P 61'
#
loop_
_entity.id
_entity.type
_entity.pdbx_description
1 polymer 'Serum albumin'
2 non-polymer 'UNKNOWN ATOM OR ION'
3 non-polymer '(6-methoxynaphthalen-2-yl)acetic acid'
4 non-polymer 'SULFATE ION'
5 water water
#
_entity_poly.entity_id   1
_entity_poly.type   'polypeptide(L)'
_entity_poly.pdbx_seq_one_letter_code
;DTHKSEIAHRFNDLGEKHFKGLVLVAFSQYLQQCPFEDHVKLVNEVTEFAKKCAADESAENCDKSLHTLFGDKLCTVATL
RATYGELADCCEKQEPERNECFLTHKDDHPNLPKLKPEPDAQCAAFQEDPDKFLGKYLYEVARRHPYFYGPELLFHAEEY
KADFTECCPADDKLACLIPKLDALKERILLSSAKERLKCSSFQNFGERAVKAWSVARLSQKFPKADFAEVSKIVTDLTKV
HKECCHGDLLECADDRADLAKYICEHQDSISGKLKACCDKPLLQKSHCIAEVKEDDLPSDLPALAADFAEDKEICKHYKD
AKDVFLGTFLYEYSRRHPDYSVSLLLRIAKTYEATLEKCCAEADPPACYRTVFDQFTPLVEEPKSLVKKNCDLFEEVGEY
DFQNALIVRYTKKAPQVSTPTLVEIGRTLGKVGSRCCKLPESERLPCSENHLALALNRLCVLHEKTPVSEKITKCCTDSL
AERRPCFSALELDEGYVPKEFKAETFTFHADICTLPEDEKQIKKQSALAELVKHKPKATKEQLKTVLGNFSAFVAKCCGA
EDKEACFAEEGPKLVASSQLALA
;
_entity_poly.pdbx_strand_id   A
#
loop_
_chem_comp.id
_chem_comp.type
_chem_comp.name
_chem_comp.formula
PWY non-polymer '(6-methoxynaphthalen-2-yl)acetic acid' 'C13 H12 O3'
SO4 non-polymer 'SULFATE ION' 'O4 S -2'
UNX non-polymer 'UNKNOWN ATOM OR ION' ?
#
# COMPACT_ATOMS: atom_id res chain seq x y z
N LYS A 4 -11.27 28.79 -19.43
CA LYS A 4 -12.11 29.88 -18.81
C LYS A 4 -12.45 29.49 -17.37
N SER A 5 -13.14 28.34 -17.18
CA SER A 5 -13.57 27.83 -15.85
C SER A 5 -13.24 26.34 -15.71
N GLU A 6 -12.26 26.00 -14.86
CA GLU A 6 -11.73 24.62 -14.65
C GLU A 6 -12.80 23.72 -14.02
N ILE A 7 -13.54 24.22 -13.03
CA ILE A 7 -14.58 23.44 -12.30
C ILE A 7 -15.63 22.95 -13.30
N ALA A 8 -16.02 23.81 -14.24
CA ALA A 8 -16.98 23.53 -15.34
C ALA A 8 -16.38 22.49 -16.30
N HIS A 9 -15.11 22.65 -16.65
CA HIS A 9 -14.34 21.74 -17.56
C HIS A 9 -14.42 20.30 -17.02
N ARG A 10 -14.11 20.08 -15.75
CA ARG A 10 -14.05 18.73 -15.12
C ARG A 10 -15.47 18.16 -14.99
N PHE A 11 -16.45 19.00 -14.64
CA PHE A 11 -17.87 18.62 -14.50
C PHE A 11 -18.40 18.13 -15.85
N ASN A 12 -18.05 18.85 -16.92
CA ASN A 12 -18.44 18.49 -18.32
C ASN A 12 -17.85 17.11 -18.67
N ASP A 13 -16.55 16.92 -18.44
CA ASP A 13 -15.79 15.70 -18.83
C ASP A 13 -16.27 14.49 -18.02
N LEU A 14 -16.22 14.57 -16.69
CA LEU A 14 -16.34 13.39 -15.78
C LEU A 14 -17.80 12.95 -15.68
N GLY A 15 -18.75 13.86 -15.91
CA GLY A 15 -20.19 13.62 -15.68
C GLY A 15 -20.54 14.00 -14.25
N GLU A 16 -21.82 14.21 -13.95
CA GLU A 16 -22.27 14.67 -12.61
C GLU A 16 -21.95 13.59 -11.57
N LYS A 17 -22.27 12.33 -11.87
CA LYS A 17 -22.13 11.20 -10.92
C LYS A 17 -20.66 11.11 -10.46
N HIS A 18 -19.72 10.93 -11.39
CA HIS A 18 -18.28 10.74 -11.08
C HIS A 18 -17.71 12.00 -10.45
N PHE A 19 -18.14 13.19 -10.90
CA PHE A 19 -17.69 14.49 -10.32
C PHE A 19 -18.06 14.48 -8.83
N LYS A 20 -19.33 14.18 -8.54
CA LYS A 20 -19.86 14.10 -7.16
C LYS A 20 -19.07 13.05 -6.38
N GLY A 21 -18.95 11.84 -6.92
CA GLY A 21 -18.21 10.73 -6.28
C GLY A 21 -16.83 11.18 -5.81
N LEU A 22 -16.02 11.69 -6.73
CA LEU A 22 -14.60 12.06 -6.49
C LEU A 22 -14.54 13.24 -5.50
N VAL A 23 -15.44 14.22 -5.64
CA VAL A 23 -15.51 15.44 -4.76
C VAL A 23 -15.81 15.01 -3.32
N LEU A 24 -16.65 13.98 -3.15
CA LEU A 24 -17.02 13.42 -1.82
C LEU A 24 -15.79 12.75 -1.20
N VAL A 25 -15.11 11.91 -2.00
CA VAL A 25 -13.86 11.21 -1.60
C VAL A 25 -12.85 12.27 -1.11
N ALA A 26 -12.59 13.29 -1.95
CA ALA A 26 -11.64 14.41 -1.68
C ALA A 26 -11.94 15.04 -0.31
N PHE A 27 -13.19 15.44 -0.11
CA PHE A 27 -13.70 16.06 1.15
C PHE A 27 -13.53 15.08 2.32
N SER A 28 -13.93 13.82 2.13
CA SER A 28 -13.90 12.76 3.17
C SER A 28 -12.47 12.47 3.59
N GLN A 29 -11.52 12.52 2.64
CA GLN A 29 -10.10 12.18 2.87
C GLN A 29 -9.43 13.28 3.70
N TYR A 30 -9.71 14.54 3.39
CA TYR A 30 -9.13 15.73 4.08
C TYR A 30 -9.74 15.83 5.49
N LEU A 31 -11.08 15.82 5.59
CA LEU A 31 -11.86 15.95 6.86
C LEU A 31 -12.43 14.59 7.26
N GLN A 32 -11.66 13.80 8.03
CA GLN A 32 -11.95 12.37 8.33
C GLN A 32 -12.92 12.25 9.52
N GLN A 33 -12.91 13.20 10.47
CA GLN A 33 -13.69 13.10 11.74
C GLN A 33 -15.08 13.76 11.62
N CYS A 34 -15.34 14.52 10.54
CA CYS A 34 -16.64 15.25 10.31
C CYS A 34 -17.72 14.26 9.85
N PRO A 35 -19.02 14.50 10.17
CA PRO A 35 -20.09 13.56 9.83
C PRO A 35 -20.43 13.48 8.33
N PHE A 36 -21.06 12.38 7.90
CA PHE A 36 -21.49 12.13 6.50
C PHE A 36 -22.55 13.15 6.08
N GLU A 37 -23.42 13.55 7.03
CA GLU A 37 -24.46 14.58 6.83
C GLU A 37 -23.82 15.83 6.22
N ASP A 38 -22.68 16.27 6.78
CA ASP A 38 -22.02 17.56 6.45
C ASP A 38 -21.36 17.49 5.07
N HIS A 39 -20.62 16.41 4.77
CA HIS A 39 -19.88 16.21 3.50
C HIS A 39 -20.83 16.27 2.30
N VAL A 40 -21.99 15.61 2.40
CA VAL A 40 -23.04 15.55 1.34
C VAL A 40 -23.47 16.98 0.97
N LYS A 41 -23.55 17.89 1.94
CA LYS A 41 -24.00 19.31 1.73
C LYS A 41 -22.92 20.11 1.00
N LEU A 42 -21.64 19.93 1.32
CA LEU A 42 -20.49 20.55 0.59
C LEU A 42 -20.47 20.00 -0.85
N VAL A 43 -20.58 18.68 -0.99
CA VAL A 43 -20.66 17.95 -2.29
C VAL A 43 -21.70 18.63 -3.19
N ASN A 44 -22.91 18.84 -2.65
CA ASN A 44 -24.06 19.44 -3.37
C ASN A 44 -23.71 20.88 -3.75
N GLU A 45 -23.33 21.71 -2.77
CA GLU A 45 -23.05 23.16 -2.92
C GLU A 45 -22.00 23.38 -4.02
N VAL A 46 -20.89 22.64 -3.97
CA VAL A 46 -19.80 22.66 -4.99
C VAL A 46 -20.39 22.27 -6.36
N THR A 47 -21.07 21.13 -6.43
CA THR A 47 -21.69 20.59 -7.66
C THR A 47 -22.60 21.66 -8.28
N GLU A 48 -23.46 22.27 -7.46
CA GLU A 48 -24.39 23.37 -7.86
C GLU A 48 -23.58 24.51 -8.50
N PHE A 49 -22.43 24.86 -7.92
CA PHE A 49 -21.52 25.93 -8.41
C PHE A 49 -20.96 25.55 -9.79
N ALA A 50 -20.59 24.28 -9.97
CA ALA A 50 -20.08 23.73 -11.25
C ALA A 50 -21.16 23.84 -12.33
N LYS A 51 -22.40 23.48 -12.00
CA LYS A 51 -23.58 23.60 -12.91
C LYS A 51 -23.80 25.07 -13.25
N LYS A 52 -23.82 25.93 -12.22
CA LYS A 52 -23.97 27.40 -12.35
C LYS A 52 -22.83 27.95 -13.22
N CYS A 53 -21.61 27.45 -13.06
CA CYS A 53 -20.41 27.84 -13.84
C CYS A 53 -20.48 27.28 -15.28
N ALA A 54 -20.86 26.00 -15.43
CA ALA A 54 -20.99 25.30 -16.74
C ALA A 54 -22.02 26.02 -17.62
N ALA A 55 -22.98 26.75 -17.03
CA ALA A 55 -24.03 27.54 -17.72
C ALA A 55 -23.41 28.81 -18.29
N ASP A 56 -22.89 29.69 -17.43
CA ASP A 56 -22.14 30.90 -17.80
C ASP A 56 -20.73 30.83 -17.18
N GLU A 57 -19.74 30.48 -17.99
CA GLU A 57 -18.32 30.30 -17.56
C GLU A 57 -17.71 31.67 -17.20
N SER A 58 -18.27 32.75 -17.76
CA SER A 58 -17.82 34.16 -17.56
C SER A 58 -18.32 34.72 -16.22
N ALA A 59 -19.16 33.96 -15.50
CA ALA A 59 -19.71 34.33 -14.17
C ALA A 59 -18.56 34.60 -13.18
N GLU A 60 -18.87 35.29 -12.07
CA GLU A 60 -17.88 35.68 -11.03
C GLU A 60 -17.56 34.47 -10.16
N ASN A 61 -16.27 34.30 -9.81
CA ASN A 61 -15.70 33.21 -8.97
C ASN A 61 -15.48 31.94 -9.78
N CYS A 62 -16.09 31.81 -10.97
CA CYS A 62 -15.98 30.62 -11.86
C CYS A 62 -14.56 30.50 -12.40
N ASP A 63 -13.89 31.65 -12.59
CA ASP A 63 -12.50 31.78 -13.11
C ASP A 63 -11.49 31.15 -12.12
N LYS A 64 -11.86 31.03 -10.83
CA LYS A 64 -10.96 30.56 -9.74
C LYS A 64 -10.61 29.08 -9.96
N SER A 65 -9.43 28.68 -9.49
CA SER A 65 -8.86 27.31 -9.62
C SER A 65 -9.63 26.35 -8.71
N LEU A 66 -9.52 25.04 -8.98
CA LEU A 66 -10.13 23.97 -8.15
C LEU A 66 -9.62 24.08 -6.71
N HIS A 67 -8.31 24.28 -6.54
CA HIS A 67 -7.65 24.40 -5.22
C HIS A 67 -8.19 25.60 -4.43
N THR A 68 -8.34 26.75 -5.10
CA THR A 68 -8.95 27.97 -4.50
C THR A 68 -10.38 27.65 -4.05
N LEU A 69 -11.14 26.93 -4.88
CA LEU A 69 -12.58 26.65 -4.70
C LEU A 69 -12.80 25.53 -3.67
N PHE A 70 -12.07 24.41 -3.80
CA PHE A 70 -12.18 23.23 -2.89
C PHE A 70 -11.69 23.59 -1.49
N GLY A 71 -10.62 24.38 -1.41
CA GLY A 71 -9.99 24.82 -0.15
C GLY A 71 -10.81 25.88 0.55
N ASP A 72 -11.49 26.74 -0.20
CA ASP A 72 -12.45 27.76 0.31
C ASP A 72 -13.65 27.04 0.95
N LYS A 73 -14.11 25.96 0.31
CA LYS A 73 -15.29 25.17 0.74
C LYS A 73 -14.96 24.41 2.03
N LEU A 74 -13.71 24.00 2.19
CA LEU A 74 -13.20 23.23 3.35
C LEU A 74 -13.12 24.13 4.59
N CYS A 75 -13.05 25.46 4.39
CA CYS A 75 -12.93 26.49 5.45
C CYS A 75 -14.32 27.01 5.87
N THR A 76 -15.39 26.58 5.19
CA THR A 76 -16.81 26.93 5.53
C THR A 76 -17.36 25.94 6.56
N VAL A 77 -16.70 24.80 6.78
CA VAL A 77 -17.23 23.64 7.54
C VAL A 77 -17.42 24.03 9.01
N ALA A 78 -18.63 23.85 9.54
CA ALA A 78 -19.00 24.12 10.95
C ALA A 78 -17.98 23.47 11.89
N THR A 79 -17.59 24.18 12.94
CA THR A 79 -16.76 23.70 14.08
C THR A 79 -15.42 23.17 13.56
N LEU A 80 -14.73 23.96 12.72
CA LEU A 80 -13.46 23.57 12.07
C LEU A 80 -12.29 23.73 13.04
N ARG A 81 -12.21 24.88 13.74
CA ARG A 81 -11.12 25.20 14.71
C ARG A 81 -11.17 24.22 15.88
N ALA A 82 -12.37 23.78 16.29
CA ALA A 82 -12.61 22.90 17.46
C ALA A 82 -12.18 21.47 17.13
N THR A 83 -12.63 20.94 15.99
CA THR A 83 -12.38 19.54 15.54
C THR A 83 -10.98 19.43 14.93
N TYR A 84 -10.61 20.34 14.01
CA TYR A 84 -9.33 20.35 13.25
C TYR A 84 -8.58 21.68 13.44
N GLY A 85 -8.14 21.96 14.67
CA GLY A 85 -7.35 23.16 15.01
C GLY A 85 -6.10 23.25 14.14
N GLU A 86 -5.38 22.13 14.00
CA GLU A 86 -4.14 21.98 13.18
C GLU A 86 -4.43 22.38 11.73
N LEU A 87 -5.64 22.09 11.25
CA LEU A 87 -6.06 22.25 9.82
C LEU A 87 -6.70 23.63 9.59
N ALA A 88 -7.19 24.27 10.65
CA ALA A 88 -7.87 25.59 10.61
C ALA A 88 -6.84 26.70 10.37
N ASP A 89 -5.61 26.54 10.88
CA ASP A 89 -4.48 27.48 10.68
C ASP A 89 -4.23 27.65 9.18
N CYS A 90 -4.32 26.57 8.42
CA CYS A 90 -4.09 26.50 6.95
C CYS A 90 -5.07 27.43 6.21
N CYS A 91 -6.29 27.57 6.74
CA CYS A 91 -7.38 28.39 6.15
C CYS A 91 -7.00 29.88 6.13
N GLU A 92 -6.03 30.29 6.95
CA GLU A 92 -5.48 31.67 6.97
C GLU A 92 -4.68 31.92 5.68
N LYS A 93 -4.02 30.88 5.15
CA LYS A 93 -2.98 30.96 4.09
C LYS A 93 -3.62 30.99 2.68
N GLN A 94 -2.90 31.57 1.72
CA GLN A 94 -3.24 31.57 0.27
C GLN A 94 -2.80 30.24 -0.37
N GLU A 95 -3.17 30.02 -1.63
CA GLU A 95 -2.71 28.86 -2.44
C GLU A 95 -1.45 29.28 -3.20
N PRO A 96 -0.48 28.37 -3.47
CA PRO A 96 -0.60 26.95 -3.14
C PRO A 96 -0.28 26.57 -1.69
N GLU A 97 0.16 27.55 -0.87
CA GLU A 97 0.60 27.36 0.54
C GLU A 97 -0.46 26.57 1.31
N ARG A 98 -1.74 26.95 1.14
CA ARG A 98 -2.90 26.44 1.92
C ARG A 98 -3.08 24.93 1.65
N ASN A 99 -3.20 24.53 0.39
CA ASN A 99 -3.40 23.10 0.00
C ASN A 99 -2.20 22.29 0.49
N GLU A 100 -0.99 22.84 0.31
CA GLU A 100 0.29 22.26 0.80
C GLU A 100 0.18 22.05 2.31
N CYS A 101 -0.42 23.02 3.02
CA CYS A 101 -0.71 22.96 4.48
C CYS A 101 -1.74 21.86 4.77
N PHE A 102 -2.83 21.81 3.98
CA PHE A 102 -3.91 20.82 4.15
C PHE A 102 -3.31 19.41 4.04
N LEU A 103 -2.70 19.12 2.90
CA LEU A 103 -2.09 17.81 2.56
C LEU A 103 -1.27 17.28 3.74
N THR A 104 -0.44 18.13 4.35
CA THR A 104 0.46 17.77 5.48
C THR A 104 -0.33 17.09 6.60
N HIS A 105 -1.41 17.72 7.06
CA HIS A 105 -2.15 17.33 8.28
C HIS A 105 -3.27 16.34 7.92
N LYS A 106 -2.87 15.13 7.54
CA LYS A 106 -3.75 13.97 7.23
C LYS A 106 -3.39 12.83 8.16
N ASP A 107 -4.31 11.91 8.46
CA ASP A 107 -4.04 10.80 9.41
C ASP A 107 -4.17 9.45 8.70
N ASP A 108 -3.07 8.68 8.72
CA ASP A 108 -2.94 7.34 8.07
C ASP A 108 -3.47 6.22 8.98
N HIS A 109 -3.64 6.50 10.28
CA HIS A 109 -4.12 5.55 11.29
C HIS A 109 -5.12 6.25 12.21
N PRO A 110 -6.26 6.75 11.67
CA PRO A 110 -7.20 7.58 12.43
C PRO A 110 -8.03 6.82 13.48
N ASN A 111 -7.76 5.54 13.69
CA ASN A 111 -8.30 4.70 14.80
C ASN A 111 -9.84 4.72 14.78
N LEU A 112 -10.46 4.92 13.61
CA LEU A 112 -11.93 4.88 13.44
C LEU A 112 -12.39 3.42 13.56
N PRO A 113 -13.64 3.17 14.02
CA PRO A 113 -14.11 1.80 14.26
C PRO A 113 -13.98 0.87 13.05
N LYS A 114 -13.76 -0.43 13.30
CA LYS A 114 -13.65 -1.50 12.27
C LYS A 114 -14.94 -1.52 11.43
N LEU A 115 -14.81 -1.68 10.12
CA LEU A 115 -15.94 -1.59 9.15
C LEU A 115 -16.61 -2.96 9.01
N LYS A 116 -17.58 -3.24 9.89
CA LYS A 116 -18.24 -4.58 10.05
C LYS A 116 -19.61 -4.59 9.37
N PRO A 117 -19.87 -5.53 8.44
CA PRO A 117 -21.14 -5.56 7.71
C PRO A 117 -22.34 -6.06 8.54
N GLU A 118 -23.49 -5.42 8.34
CA GLU A 118 -24.81 -5.79 8.95
C GLU A 118 -25.81 -6.03 7.82
N PRO A 119 -25.95 -7.29 7.33
CA PRO A 119 -26.76 -7.59 6.15
C PRO A 119 -28.17 -6.99 6.14
N ASP A 120 -28.91 -7.13 7.24
CA ASP A 120 -30.34 -6.70 7.37
C ASP A 120 -30.46 -5.18 7.18
N ALA A 121 -29.71 -4.40 7.97
CA ALA A 121 -29.81 -2.93 8.08
C ALA A 121 -29.30 -2.24 6.80
N GLN A 122 -28.23 -2.77 6.19
CA GLN A 122 -27.57 -2.16 5.00
C GLN A 122 -28.43 -2.35 3.75
N CYS A 123 -28.99 -3.55 3.55
CA CYS A 123 -29.89 -3.86 2.41
C CYS A 123 -31.11 -2.93 2.44
N ALA A 124 -31.62 -2.64 3.64
CA ALA A 124 -32.77 -1.74 3.90
C ALA A 124 -32.40 -0.29 3.55
N ALA A 125 -31.17 0.12 3.83
CA ALA A 125 -30.62 1.46 3.49
C ALA A 125 -30.37 1.56 1.97
N PHE A 126 -29.85 0.49 1.37
CA PHE A 126 -29.54 0.40 -0.08
C PHE A 126 -30.84 0.50 -0.90
N GLN A 127 -31.90 -0.15 -0.42
CA GLN A 127 -33.20 -0.22 -1.12
C GLN A 127 -33.85 1.18 -1.10
N GLU A 128 -33.92 1.82 0.07
CA GLU A 128 -34.66 3.10 0.27
C GLU A 128 -33.95 4.25 -0.44
N ASP A 129 -32.63 4.15 -0.65
CA ASP A 129 -31.83 5.12 -1.46
C ASP A 129 -30.46 4.52 -1.79
N PRO A 130 -30.29 3.86 -2.97
CA PRO A 130 -28.99 3.29 -3.34
C PRO A 130 -27.90 4.37 -3.49
N ASP A 131 -28.21 5.46 -4.20
CA ASP A 131 -27.33 6.62 -4.47
C ASP A 131 -26.71 7.13 -3.16
N LYS A 132 -27.50 7.19 -2.08
CA LYS A 132 -27.03 7.65 -0.74
C LYS A 132 -26.20 6.53 -0.08
N PHE A 133 -26.63 5.28 -0.24
CA PHE A 133 -26.00 4.08 0.38
C PHE A 133 -24.59 3.88 -0.20
N LEU A 134 -24.42 4.10 -1.50
CA LEU A 134 -23.11 4.01 -2.19
C LEU A 134 -22.24 5.20 -1.77
N GLY A 135 -22.84 6.40 -1.69
CA GLY A 135 -22.20 7.61 -1.15
C GLY A 135 -21.59 7.38 0.23
N LYS A 136 -22.35 6.73 1.12
CA LYS A 136 -21.92 6.34 2.49
C LYS A 136 -20.63 5.49 2.41
N TYR A 137 -20.58 4.54 1.48
CA TYR A 137 -19.42 3.64 1.27
C TYR A 137 -18.17 4.45 0.89
N LEU A 138 -18.25 5.23 -0.19
CA LEU A 138 -17.17 6.16 -0.63
C LEU A 138 -16.65 6.92 0.59
N TYR A 139 -17.54 7.61 1.31
CA TYR A 139 -17.23 8.42 2.52
C TYR A 139 -16.41 7.56 3.49
N GLU A 140 -16.98 6.42 3.91
CA GLU A 140 -16.46 5.58 5.02
C GLU A 140 -15.06 5.07 4.69
N VAL A 141 -14.84 4.57 3.46
CA VAL A 141 -13.54 3.98 3.03
C VAL A 141 -12.52 5.11 2.83
N ALA A 142 -12.94 6.25 2.28
CA ALA A 142 -12.11 7.44 1.98
C ALA A 142 -11.46 8.00 3.24
N ARG A 143 -12.21 8.14 4.35
CA ARG A 143 -11.67 8.70 5.62
C ARG A 143 -10.82 7.67 6.36
N ARG A 144 -10.86 6.39 5.96
CA ARG A 144 -10.04 5.28 6.51
C ARG A 144 -8.78 5.04 5.65
N HIS A 145 -8.67 5.69 4.49
CA HIS A 145 -7.55 5.54 3.52
C HIS A 145 -7.36 6.88 2.82
N PRO A 146 -6.85 7.90 3.55
CA PRO A 146 -6.82 9.28 3.04
C PRO A 146 -6.03 9.46 1.73
N TYR A 147 -5.34 8.40 1.28
CA TYR A 147 -4.47 8.38 0.07
C TYR A 147 -4.96 7.33 -0.95
N PHE A 148 -6.19 6.85 -0.81
CA PHE A 148 -6.75 5.85 -1.74
C PHE A 148 -6.86 6.50 -3.13
N TYR A 149 -6.57 5.69 -4.14
CA TYR A 149 -6.67 6.00 -5.58
C TYR A 149 -8.14 6.33 -5.88
N GLY A 150 -8.47 7.62 -6.03
CA GLY A 150 -9.85 8.14 -6.16
C GLY A 150 -10.67 7.36 -7.18
N PRO A 151 -10.28 7.33 -8.48
CA PRO A 151 -11.07 6.63 -9.50
C PRO A 151 -11.16 5.12 -9.21
N GLU A 152 -10.12 4.55 -8.58
CA GLU A 152 -10.09 3.12 -8.20
C GLU A 152 -11.18 2.87 -7.14
N LEU A 153 -11.40 3.84 -6.26
CA LEU A 153 -12.44 3.74 -5.19
C LEU A 153 -13.82 3.70 -5.85
N LEU A 154 -14.09 4.60 -6.81
CA LEU A 154 -15.37 4.62 -7.58
C LEU A 154 -15.58 3.24 -8.20
N PHE A 155 -14.49 2.57 -8.62
CA PHE A 155 -14.53 1.21 -9.20
C PHE A 155 -14.89 0.20 -8.11
N HIS A 156 -14.26 0.29 -6.95
CA HIS A 156 -14.48 -0.64 -5.82
C HIS A 156 -15.91 -0.44 -5.29
N ALA A 157 -16.43 0.79 -5.36
CA ALA A 157 -17.80 1.16 -4.91
C ALA A 157 -18.85 0.58 -5.85
N GLU A 158 -18.44 0.16 -7.07
CA GLU A 158 -19.31 -0.55 -8.05
C GLU A 158 -19.31 -2.06 -7.73
N GLU A 159 -18.18 -2.60 -7.29
CA GLU A 159 -18.08 -4.01 -6.80
C GLU A 159 -19.00 -4.17 -5.58
N TYR A 160 -18.96 -3.19 -4.67
CA TYR A 160 -19.79 -3.09 -3.44
C TYR A 160 -21.28 -3.15 -3.83
N LYS A 161 -21.70 -2.30 -4.77
CA LYS A 161 -23.10 -2.20 -5.29
C LYS A 161 -23.51 -3.50 -6.00
N ALA A 162 -22.56 -4.17 -6.66
CA ALA A 162 -22.79 -5.45 -7.38
C ALA A 162 -23.13 -6.56 -6.38
N ASP A 163 -22.53 -6.52 -5.18
CA ASP A 163 -22.72 -7.52 -4.10
C ASP A 163 -24.11 -7.35 -3.45
N PHE A 164 -24.55 -6.10 -3.26
CA PHE A 164 -25.82 -5.74 -2.58
C PHE A 164 -27.00 -5.93 -3.53
N THR A 165 -26.79 -5.75 -4.83
CA THR A 165 -27.80 -6.05 -5.89
C THR A 165 -28.03 -7.56 -5.97
N GLU A 166 -27.00 -8.38 -5.75
CA GLU A 166 -27.07 -9.86 -5.87
C GLU A 166 -27.69 -10.48 -4.61
N CYS A 167 -27.36 -9.96 -3.42
CA CYS A 167 -27.49 -10.68 -2.12
C CYS A 167 -28.67 -10.17 -1.26
N CYS A 168 -29.24 -9.01 -1.57
CA CYS A 168 -30.39 -8.42 -0.80
C CYS A 168 -31.72 -9.09 -1.15
N PRO A 169 -31.95 -9.56 -2.40
CA PRO A 169 -33.16 -10.34 -2.71
C PRO A 169 -33.03 -11.84 -2.35
N ALA A 170 -31.80 -12.32 -2.14
CA ALA A 170 -31.43 -13.75 -2.00
C ALA A 170 -32.11 -14.37 -0.76
N ASP A 171 -32.07 -15.70 -0.66
CA ASP A 171 -32.69 -16.49 0.44
C ASP A 171 -31.94 -16.22 1.75
N ASP A 172 -30.64 -16.52 1.76
CA ASP A 172 -29.72 -16.25 2.91
C ASP A 172 -29.03 -14.91 2.67
N LYS A 173 -29.32 -13.90 3.49
CA LYS A 173 -28.85 -12.49 3.31
C LYS A 173 -27.42 -12.35 3.86
N LEU A 174 -27.02 -13.23 4.79
CA LEU A 174 -25.69 -13.22 5.45
C LEU A 174 -24.68 -14.04 4.63
N ALA A 175 -25.04 -15.28 4.26
CA ALA A 175 -24.13 -16.28 3.63
C ALA A 175 -23.75 -15.86 2.21
N CYS A 176 -24.51 -14.96 1.59
CA CYS A 176 -24.22 -14.35 0.25
C CYS A 176 -23.27 -13.16 0.41
N LEU A 177 -23.50 -12.33 1.43
CA LEU A 177 -22.93 -10.96 1.57
C LEU A 177 -21.65 -10.97 2.43
N ILE A 178 -21.61 -11.80 3.48
CA ILE A 178 -20.50 -11.83 4.49
C ILE A 178 -19.16 -12.15 3.80
N PRO A 179 -19.00 -13.28 3.07
CA PRO A 179 -17.71 -13.61 2.44
C PRO A 179 -17.36 -12.75 1.21
N LYS A 180 -18.36 -12.10 0.59
CA LYS A 180 -18.17 -11.19 -0.57
C LYS A 180 -17.59 -9.86 -0.08
N LEU A 181 -18.15 -9.29 1.00
CA LEU A 181 -17.72 -7.98 1.55
C LEU A 181 -16.37 -8.14 2.27
N ASP A 182 -16.03 -9.35 2.72
CA ASP A 182 -14.72 -9.67 3.37
C ASP A 182 -13.63 -9.77 2.29
N ALA A 183 -13.97 -10.32 1.11
CA ALA A 183 -13.09 -10.40 -0.08
C ALA A 183 -12.83 -9.00 -0.64
N LEU A 184 -13.86 -8.15 -0.67
CA LEU A 184 -13.78 -6.73 -1.10
C LEU A 184 -12.91 -5.94 -0.11
N LYS A 185 -13.14 -6.11 1.19
CA LYS A 185 -12.34 -5.46 2.27
C LYS A 185 -10.87 -5.86 2.12
N GLU A 186 -10.64 -7.12 1.71
CA GLU A 186 -9.28 -7.68 1.44
C GLU A 186 -8.67 -6.95 0.24
N ARG A 187 -9.44 -6.79 -0.84
CA ARG A 187 -8.99 -6.15 -2.11
C ARG A 187 -8.70 -4.67 -1.85
N ILE A 188 -9.55 -3.98 -1.09
CA ILE A 188 -9.35 -2.54 -0.68
C ILE A 188 -8.00 -2.41 0.03
N LEU A 189 -7.69 -3.29 0.98
CA LEU A 189 -6.43 -3.23 1.78
C LEU A 189 -5.23 -3.23 0.84
N LEU A 190 -5.29 -4.02 -0.25
CA LEU A 190 -4.18 -4.16 -1.22
C LEU A 190 -4.12 -2.92 -2.14
N SER A 191 -5.24 -2.52 -2.74
CA SER A 191 -5.32 -1.30 -3.59
C SER A 191 -4.72 -0.13 -2.81
N SER A 192 -5.19 0.07 -1.57
CA SER A 192 -4.72 1.11 -0.61
C SER A 192 -3.21 1.01 -0.46
N ALA A 193 -2.69 -0.19 -0.22
CA ALA A 193 -1.26 -0.47 0.07
C ALA A 193 -0.40 -0.03 -1.12
N LYS A 194 -0.74 -0.48 -2.32
CA LYS A 194 -0.02 -0.13 -3.58
C LYS A 194 0.01 1.39 -3.75
N GLU A 195 -1.13 2.06 -3.56
CA GLU A 195 -1.27 3.51 -3.87
C GLU A 195 -0.64 4.35 -2.74
N ARG A 196 -0.47 3.78 -1.55
CA ARG A 196 0.20 4.48 -0.40
C ARG A 196 1.72 4.44 -0.61
N LEU A 197 2.25 3.33 -1.16
CA LEU A 197 3.68 3.19 -1.54
C LEU A 197 4.01 4.24 -2.61
N LYS A 198 3.10 4.45 -3.57
CA LYS A 198 3.29 5.45 -4.66
C LYS A 198 3.42 6.83 -4.02
N CYS A 199 2.41 7.25 -3.25
CA CYS A 199 2.37 8.56 -2.54
C CYS A 199 3.55 8.69 -1.58
N SER A 200 3.84 7.63 -0.79
CA SER A 200 5.01 7.57 0.11
C SER A 200 6.29 7.84 -0.68
N SER A 201 6.41 7.27 -1.88
CA SER A 201 7.63 7.35 -2.71
C SER A 201 7.81 8.80 -3.20
N PHE A 202 6.73 9.51 -3.51
CA PHE A 202 6.76 10.95 -3.84
C PHE A 202 7.22 11.75 -2.62
N GLN A 203 6.51 11.59 -1.49
CA GLN A 203 6.68 12.34 -0.23
C GLN A 203 8.14 12.24 0.26
N ASN A 204 8.74 11.06 0.17
CA ASN A 204 10.01 10.70 0.86
C ASN A 204 11.21 10.77 -0.10
N PHE A 205 11.05 10.37 -1.36
CA PHE A 205 12.17 10.11 -2.31
C PHE A 205 12.03 10.90 -3.61
N GLY A 206 10.83 11.34 -3.98
CA GLY A 206 10.62 12.26 -5.12
C GLY A 206 10.20 11.55 -6.39
N GLU A 207 9.74 12.35 -7.36
CA GLU A 207 9.17 11.94 -8.67
C GLU A 207 10.16 11.04 -9.43
N ARG A 208 11.45 11.42 -9.48
CA ARG A 208 12.53 10.66 -10.16
C ARG A 208 12.52 9.20 -9.69
N ALA A 209 12.29 8.97 -8.39
CA ALA A 209 12.26 7.63 -7.77
C ALA A 209 11.01 6.88 -8.25
N VAL A 210 9.86 7.56 -8.27
CA VAL A 210 8.57 6.96 -8.72
C VAL A 210 8.67 6.59 -10.21
N LYS A 211 9.29 7.46 -11.02
CA LYS A 211 9.50 7.22 -12.48
C LYS A 211 10.36 5.96 -12.66
N ALA A 212 11.51 5.89 -11.98
CA ALA A 212 12.44 4.73 -12.00
C ALA A 212 11.66 3.44 -11.68
N TRP A 213 10.80 3.49 -10.67
CA TRP A 213 9.97 2.33 -10.24
C TRP A 213 9.02 1.92 -11.37
N SER A 214 8.34 2.90 -11.98
CA SER A 214 7.33 2.71 -13.06
C SER A 214 7.99 2.13 -14.31
N VAL A 215 9.18 2.64 -14.68
CA VAL A 215 9.96 2.16 -15.85
C VAL A 215 10.20 0.65 -15.67
N ALA A 216 10.71 0.25 -14.51
CA ALA A 216 11.00 -1.16 -14.15
C ALA A 216 9.73 -2.01 -14.27
N ARG A 217 8.64 -1.58 -13.65
CA ARG A 217 7.38 -2.36 -13.56
C ARG A 217 6.73 -2.48 -14.95
N LEU A 218 6.50 -1.35 -15.62
CA LEU A 218 5.81 -1.31 -16.94
C LEU A 218 6.66 -2.06 -18.00
N SER A 219 7.98 -1.91 -17.95
CA SER A 219 8.92 -2.65 -18.83
C SER A 219 8.71 -4.16 -18.64
N GLN A 220 8.47 -4.62 -17.42
CA GLN A 220 8.19 -6.04 -17.11
C GLN A 220 6.83 -6.43 -17.71
N LYS A 221 5.83 -5.56 -17.57
CA LYS A 221 4.41 -5.81 -17.96
C LYS A 221 4.24 -5.70 -19.47
N PHE A 222 5.03 -4.84 -20.13
CA PHE A 222 4.95 -4.55 -21.58
C PHE A 222 6.32 -4.71 -22.21
N PRO A 223 6.92 -5.92 -22.17
CA PRO A 223 8.28 -6.12 -22.69
C PRO A 223 8.44 -5.83 -24.18
N LYS A 224 7.35 -5.90 -24.97
CA LYS A 224 7.40 -5.76 -26.45
C LYS A 224 7.24 -4.28 -26.84
N ALA A 225 6.90 -3.40 -25.91
CA ALA A 225 6.74 -1.95 -26.16
C ALA A 225 8.12 -1.29 -26.34
N ASP A 226 8.23 -0.35 -27.29
CA ASP A 226 9.43 0.51 -27.52
C ASP A 226 9.74 1.30 -26.24
N PHE A 227 10.99 1.71 -26.06
CA PHE A 227 11.43 2.56 -24.91
C PHE A 227 10.73 3.93 -24.98
N ALA A 228 10.43 4.41 -26.18
CA ALA A 228 9.70 5.67 -26.43
C ALA A 228 8.28 5.56 -25.89
N GLU A 229 7.64 4.40 -26.09
CA GLU A 229 6.25 4.11 -25.67
C GLU A 229 6.19 4.04 -24.13
N VAL A 230 7.04 3.19 -23.55
CA VAL A 230 7.14 2.97 -22.07
C VAL A 230 7.39 4.32 -21.39
N SER A 231 8.28 5.14 -21.93
CA SER A 231 8.59 6.50 -21.41
C SER A 231 7.32 7.35 -21.40
N LYS A 232 6.61 7.38 -22.53
CA LYS A 232 5.35 8.16 -22.69
C LYS A 232 4.38 7.77 -21.57
N ILE A 233 4.11 6.48 -21.41
CA ILE A 233 3.13 5.94 -20.42
C ILE A 233 3.59 6.32 -19.00
N VAL A 234 4.86 6.06 -18.68
CA VAL A 234 5.46 6.38 -17.34
C VAL A 234 5.26 7.87 -17.06
N THR A 235 5.58 8.73 -18.04
CA THR A 235 5.43 10.21 -17.91
C THR A 235 3.98 10.51 -17.53
N ASP A 236 3.03 9.93 -18.26
CA ASP A 236 1.58 10.21 -18.12
C ASP A 236 1.06 9.60 -16.81
N LEU A 237 1.52 8.39 -16.44
CA LEU A 237 1.08 7.65 -15.23
C LEU A 237 1.57 8.38 -13.97
N THR A 238 2.84 8.78 -13.95
CA THR A 238 3.50 9.50 -12.82
C THR A 238 2.75 10.79 -12.52
N LYS A 239 2.28 11.50 -13.56
CA LYS A 239 1.50 12.76 -13.38
C LYS A 239 0.15 12.42 -12.75
N VAL A 240 -0.46 11.30 -13.16
CA VAL A 240 -1.76 10.80 -12.64
C VAL A 240 -1.62 10.59 -11.12
N HIS A 241 -0.57 9.88 -10.69
CA HIS A 241 -0.35 9.50 -9.27
C HIS A 241 0.00 10.75 -8.46
N LYS A 242 0.89 11.60 -8.99
CA LYS A 242 1.30 12.87 -8.34
C LYS A 242 0.04 13.68 -8.03
N GLU A 243 -0.89 13.75 -8.98
CA GLU A 243 -2.16 14.50 -8.85
C GLU A 243 -3.00 13.92 -7.71
N CYS A 244 -3.39 12.63 -7.73
CA CYS A 244 -4.37 12.20 -6.71
C CYS A 244 -3.68 11.76 -5.41
N CYS A 245 -2.34 11.72 -5.35
CA CYS A 245 -1.60 11.71 -4.06
C CYS A 245 -1.67 13.10 -3.42
N HIS A 246 -1.77 14.16 -4.23
CA HIS A 246 -1.80 15.58 -3.78
C HIS A 246 -3.25 16.09 -3.72
N GLY A 247 -4.23 15.20 -3.83
CA GLY A 247 -5.65 15.50 -3.61
C GLY A 247 -6.34 16.06 -4.84
N ASP A 248 -5.66 16.10 -6.00
CA ASP A 248 -6.22 16.63 -7.27
C ASP A 248 -7.00 15.51 -7.98
N LEU A 249 -8.09 15.04 -7.36
CA LEU A 249 -8.85 13.83 -7.76
C LEU A 249 -9.58 14.06 -9.08
N LEU A 250 -9.99 15.30 -9.37
CA LEU A 250 -10.69 15.66 -10.64
C LEU A 250 -9.68 15.60 -11.78
N GLU A 251 -8.52 16.25 -11.63
CA GLU A 251 -7.40 16.20 -12.59
C GLU A 251 -6.98 14.74 -12.76
N CYS A 252 -6.74 14.06 -11.65
CA CYS A 252 -6.23 12.66 -11.59
C CYS A 252 -7.14 11.76 -12.42
N ALA A 253 -8.45 11.86 -12.22
CA ALA A 253 -9.47 11.02 -12.88
C ALA A 253 -9.46 11.26 -14.40
N ASP A 254 -9.43 12.53 -14.82
CA ASP A 254 -9.43 12.94 -16.25
C ASP A 254 -8.18 12.37 -16.92
N ASP A 255 -7.01 12.52 -16.29
CA ASP A 255 -5.70 12.11 -16.85
C ASP A 255 -5.60 10.59 -16.91
N ARG A 256 -6.19 9.87 -15.94
CA ARG A 256 -6.15 8.39 -15.88
C ARG A 256 -6.97 7.81 -17.04
N ALA A 257 -8.10 8.44 -17.36
CA ALA A 257 -9.00 8.03 -18.46
C ALA A 257 -8.30 8.24 -19.81
N ASP A 258 -7.63 9.39 -19.99
CA ASP A 258 -6.83 9.73 -21.19
C ASP A 258 -5.74 8.65 -21.40
N LEU A 259 -5.06 8.24 -20.34
CA LEU A 259 -3.94 7.25 -20.41
C LEU A 259 -4.50 5.88 -20.78
N ALA A 260 -5.64 5.49 -20.18
CA ALA A 260 -6.37 4.25 -20.52
C ALA A 260 -6.78 4.31 -22.01
N LYS A 261 -7.34 5.44 -22.45
CA LYS A 261 -7.74 5.68 -23.85
C LYS A 261 -6.51 5.51 -24.76
N TYR A 262 -5.36 6.04 -24.34
CA TYR A 262 -4.09 5.96 -25.12
C TYR A 262 -3.64 4.51 -25.20
N ILE A 263 -3.45 3.85 -24.05
CA ILE A 263 -2.88 2.48 -23.96
C ILE A 263 -3.72 1.55 -24.86
N CYS A 264 -5.03 1.78 -24.93
CA CYS A 264 -6.00 0.91 -25.66
C CYS A 264 -6.04 1.24 -27.16
N GLU A 265 -5.80 2.50 -27.54
CA GLU A 265 -5.67 2.91 -28.96
C GLU A 265 -4.38 2.33 -29.54
N HIS A 266 -3.35 2.14 -28.70
CA HIS A 266 -1.99 1.70 -29.09
C HIS A 266 -1.68 0.31 -28.52
N GLN A 267 -2.72 -0.49 -28.24
CA GLN A 267 -2.55 -1.75 -27.47
C GLN A 267 -1.75 -2.77 -28.29
N ASP A 268 -1.80 -2.72 -29.63
CA ASP A 268 -1.15 -3.71 -30.53
C ASP A 268 0.38 -3.60 -30.42
N SER A 269 0.90 -2.39 -30.24
CA SER A 269 2.36 -2.14 -30.08
C SER A 269 2.78 -2.25 -28.60
N ILE A 270 1.83 -2.39 -27.66
CA ILE A 270 2.16 -2.39 -26.19
C ILE A 270 2.10 -3.81 -25.62
N SER A 271 0.99 -4.53 -25.77
CA SER A 271 0.83 -5.91 -25.22
C SER A 271 -0.43 -6.58 -25.78
N GLY A 272 -0.36 -7.88 -26.02
CA GLY A 272 -1.50 -8.71 -26.46
C GLY A 272 -2.43 -9.07 -25.31
N LYS A 273 -2.10 -8.66 -24.08
CA LYS A 273 -2.86 -8.97 -22.84
C LYS A 273 -3.93 -7.89 -22.59
N LEU A 274 -3.87 -6.77 -23.32
CA LEU A 274 -4.73 -5.58 -23.07
C LEU A 274 -6.05 -5.69 -23.84
N LYS A 275 -6.21 -6.69 -24.72
CA LYS A 275 -7.43 -6.83 -25.56
C LYS A 275 -8.67 -7.02 -24.67
N ALA A 276 -8.54 -7.81 -23.60
CA ALA A 276 -9.62 -8.10 -22.63
C ALA A 276 -10.00 -6.82 -21.89
N CYS A 277 -8.99 -6.07 -21.40
CA CYS A 277 -9.15 -4.82 -20.62
C CYS A 277 -9.79 -3.72 -21.46
N CYS A 278 -9.48 -3.64 -22.74
CA CYS A 278 -9.79 -2.48 -23.61
C CYS A 278 -11.23 -2.54 -24.13
N ASP A 279 -11.89 -3.69 -24.03
CA ASP A 279 -13.28 -3.89 -24.48
C ASP A 279 -14.23 -3.79 -23.29
N LYS A 280 -13.77 -3.25 -22.16
CA LYS A 280 -14.55 -3.10 -20.90
C LYS A 280 -14.94 -1.64 -20.70
N PRO A 281 -15.91 -1.35 -19.80
CA PRO A 281 -16.27 0.02 -19.45
C PRO A 281 -15.12 0.80 -18.83
N LEU A 282 -15.29 2.13 -18.69
CA LEU A 282 -14.19 3.08 -18.34
C LEU A 282 -13.47 2.63 -17.05
N LEU A 283 -14.16 2.52 -15.92
CA LEU A 283 -13.51 2.21 -14.61
C LEU A 283 -12.89 0.81 -14.66
N GLN A 284 -13.60 -0.17 -15.24
CA GLN A 284 -13.12 -1.57 -15.37
C GLN A 284 -11.81 -1.54 -16.17
N LYS A 285 -11.82 -0.86 -17.31
CA LYS A 285 -10.68 -0.74 -18.26
C LYS A 285 -9.44 -0.28 -17.50
N SER A 286 -9.52 0.87 -16.83
CA SER A 286 -8.40 1.48 -16.06
C SER A 286 -7.88 0.49 -15.02
N HIS A 287 -8.77 -0.16 -14.25
CA HIS A 287 -8.39 -1.17 -13.21
C HIS A 287 -7.71 -2.37 -13.87
N CYS A 288 -8.25 -2.86 -14.98
CA CYS A 288 -7.75 -4.08 -15.69
C CYS A 288 -6.32 -3.85 -16.19
N ILE A 289 -6.03 -2.68 -16.77
CA ILE A 289 -4.70 -2.27 -17.29
C ILE A 289 -3.70 -2.20 -16.12
N ALA A 290 -4.09 -1.55 -15.03
CA ALA A 290 -3.28 -1.36 -13.79
C ALA A 290 -2.86 -2.72 -13.23
N GLU A 291 -3.73 -3.73 -13.34
CA GLU A 291 -3.52 -5.09 -12.78
C GLU A 291 -3.29 -6.10 -13.92
N VAL A 292 -2.96 -5.62 -15.12
CA VAL A 292 -2.84 -6.47 -16.34
C VAL A 292 -1.72 -7.51 -16.11
N LYS A 293 -1.96 -8.74 -16.59
CA LYS A 293 -0.95 -9.83 -16.61
C LYS A 293 0.24 -9.37 -17.46
N GLU A 294 1.44 -9.86 -17.15
CA GLU A 294 2.69 -9.54 -17.89
C GLU A 294 2.65 -10.24 -19.25
N ASP A 295 3.10 -9.55 -20.30
CA ASP A 295 3.11 -10.07 -21.69
C ASP A 295 4.22 -11.11 -21.83
N ASP A 296 4.02 -12.13 -22.67
CA ASP A 296 5.07 -13.13 -23.02
C ASP A 296 6.32 -12.40 -23.49
N LEU A 297 7.51 -12.94 -23.21
CA LEU A 297 8.79 -12.35 -23.66
C LEU A 297 8.83 -12.38 -25.18
N PRO A 298 9.18 -11.25 -25.85
CA PRO A 298 9.44 -11.26 -27.30
C PRO A 298 10.61 -12.17 -27.68
N SER A 299 10.52 -12.81 -28.86
CA SER A 299 11.53 -13.72 -29.45
C SER A 299 12.83 -12.96 -29.73
N ASP A 300 12.69 -11.69 -30.11
CA ASP A 300 13.77 -10.83 -30.69
C ASP A 300 14.41 -9.95 -29.61
N LEU A 301 14.23 -10.29 -28.33
CA LEU A 301 14.83 -9.49 -27.22
C LEU A 301 16.33 -9.35 -27.47
N PRO A 302 16.85 -8.11 -27.47
CA PRO A 302 18.25 -7.85 -27.79
C PRO A 302 19.24 -8.28 -26.70
N ALA A 303 20.43 -8.71 -27.11
CA ALA A 303 21.60 -8.92 -26.23
C ALA A 303 22.03 -7.54 -25.73
N LEU A 304 22.34 -7.40 -24.44
CA LEU A 304 22.64 -6.08 -23.81
C LEU A 304 24.14 -5.99 -23.47
N ALA A 305 24.88 -7.10 -23.55
CA ALA A 305 26.32 -7.17 -23.22
C ALA A 305 27.08 -6.16 -24.08
N ALA A 306 26.85 -6.17 -25.39
CA ALA A 306 27.53 -5.29 -26.36
C ALA A 306 27.31 -3.83 -25.98
N ASP A 307 26.06 -3.41 -25.84
CA ASP A 307 25.66 -2.00 -25.58
C ASP A 307 26.12 -1.58 -24.17
N PHE A 308 25.96 -2.43 -23.15
CA PHE A 308 26.08 -2.02 -21.73
C PHE A 308 27.35 -2.53 -21.04
N ALA A 309 28.20 -3.32 -21.71
CA ALA A 309 29.46 -3.82 -21.12
C ALA A 309 30.62 -3.82 -22.11
N GLU A 310 30.38 -4.14 -23.40
CA GLU A 310 31.47 -4.35 -24.39
C GLU A 310 31.82 -3.02 -25.07
N ASP A 311 30.82 -2.25 -25.51
CA ASP A 311 30.99 -0.96 -26.25
C ASP A 311 32.01 -0.07 -25.53
N LYS A 312 32.86 0.62 -26.31
CA LYS A 312 34.10 1.30 -25.84
C LYS A 312 33.84 2.76 -25.47
N GLU A 313 32.66 3.29 -25.80
CA GLU A 313 32.32 4.73 -25.62
C GLU A 313 31.20 4.87 -24.57
N ILE A 314 30.96 3.83 -23.76
CA ILE A 314 29.88 3.80 -22.74
C ILE A 314 30.02 5.03 -21.83
N CYS A 315 31.23 5.25 -21.29
CA CYS A 315 31.57 6.43 -20.44
C CYS A 315 31.14 7.71 -21.17
N LYS A 316 31.45 7.83 -22.47
CA LYS A 316 31.08 9.00 -23.32
C LYS A 316 29.56 9.17 -23.32
N HIS A 317 28.82 8.10 -23.62
CA HIS A 317 27.33 8.07 -23.65
C HIS A 317 26.78 8.49 -22.28
N TYR A 318 27.22 7.78 -21.23
CA TYR A 318 26.80 7.94 -19.82
C TYR A 318 27.01 9.40 -19.37
N LYS A 319 28.23 9.93 -19.52
CA LYS A 319 28.61 11.30 -19.10
C LYS A 319 27.68 12.33 -19.79
N ASP A 320 27.34 12.10 -21.06
CA ASP A 320 26.58 13.05 -21.91
C ASP A 320 25.18 13.29 -21.33
N ALA A 321 24.45 12.21 -20.99
CA ALA A 321 23.11 12.26 -20.37
C ALA A 321 22.89 11.02 -19.50
N LYS A 322 23.16 11.12 -18.19
CA LYS A 322 23.22 9.99 -17.23
C LYS A 322 21.82 9.38 -17.08
N ASP A 323 20.85 10.16 -16.61
CA ASP A 323 19.46 9.72 -16.30
C ASP A 323 18.84 9.01 -17.52
N VAL A 324 19.17 9.46 -18.73
CA VAL A 324 18.60 8.92 -20.00
C VAL A 324 19.22 7.54 -20.26
N PHE A 325 20.55 7.44 -20.21
CA PHE A 325 21.30 6.17 -20.47
C PHE A 325 20.87 5.11 -19.44
N LEU A 326 20.78 5.50 -18.17
CA LEU A 326 20.38 4.63 -17.04
C LEU A 326 18.94 4.15 -17.24
N GLY A 327 18.04 5.05 -17.65
CA GLY A 327 16.64 4.75 -18.06
C GLY A 327 16.60 3.62 -19.07
N THR A 328 17.38 3.75 -20.16
CA THR A 328 17.49 2.75 -21.24
C THR A 328 17.90 1.38 -20.65
N PHE A 329 18.94 1.34 -19.81
CA PHE A 329 19.43 0.10 -19.16
C PHE A 329 18.32 -0.50 -18.29
N LEU A 330 17.68 0.34 -17.48
CA LEU A 330 16.60 -0.09 -16.56
C LEU A 330 15.49 -0.73 -17.40
N TYR A 331 15.06 -0.04 -18.45
CA TYR A 331 14.03 -0.49 -19.42
C TYR A 331 14.39 -1.88 -19.96
N GLU A 332 15.60 -2.03 -20.49
CA GLU A 332 16.04 -3.25 -21.21
C GLU A 332 16.23 -4.41 -20.21
N TYR A 333 16.79 -4.14 -19.03
CA TYR A 333 17.12 -5.22 -18.06
C TYR A 333 15.82 -5.69 -17.41
N SER A 334 14.88 -4.78 -17.17
CA SER A 334 13.56 -5.09 -16.56
C SER A 334 12.71 -5.92 -17.53
N ARG A 335 12.68 -5.56 -18.81
CA ARG A 335 11.99 -6.29 -19.91
C ARG A 335 12.24 -7.80 -19.82
N ARG A 336 13.52 -8.21 -19.76
CA ARG A 336 13.94 -9.63 -19.86
C ARG A 336 13.91 -10.31 -18.48
N HIS A 337 13.54 -9.59 -17.42
CA HIS A 337 13.42 -10.16 -16.04
C HIS A 337 12.08 -9.82 -15.41
N PRO A 338 10.97 -10.47 -15.86
CA PRO A 338 9.72 -10.46 -15.10
C PRO A 338 9.83 -11.31 -13.82
N ASP A 339 10.93 -12.06 -13.68
CA ASP A 339 11.21 -12.98 -12.55
C ASP A 339 11.96 -12.24 -11.44
N TYR A 340 12.33 -10.98 -11.65
CA TYR A 340 12.93 -10.09 -10.62
C TYR A 340 11.89 -9.12 -10.08
N SER A 341 11.91 -8.89 -8.77
CA SER A 341 11.16 -7.81 -8.08
C SER A 341 11.60 -6.45 -8.62
N VAL A 342 10.74 -5.43 -8.49
CA VAL A 342 11.04 -4.04 -8.94
C VAL A 342 12.23 -3.51 -8.13
N SER A 343 12.18 -3.64 -6.79
CA SER A 343 13.25 -3.15 -5.89
C SER A 343 14.60 -3.76 -6.29
N LEU A 344 14.64 -5.06 -6.61
CA LEU A 344 15.86 -5.76 -7.08
C LEU A 344 16.36 -5.11 -8.39
N LEU A 345 15.45 -4.83 -9.32
CA LEU A 345 15.80 -4.18 -10.61
C LEU A 345 16.39 -2.79 -10.35
N LEU A 346 15.81 -2.03 -9.41
CA LEU A 346 16.32 -0.69 -9.03
C LEU A 346 17.67 -0.82 -8.32
N ARG A 347 17.85 -1.89 -7.55
CA ARG A 347 19.14 -2.20 -6.86
C ARG A 347 20.21 -2.48 -7.92
N ILE A 348 19.90 -3.32 -8.91
CA ILE A 348 20.82 -3.70 -10.03
C ILE A 348 21.20 -2.46 -10.84
N ALA A 349 20.22 -1.60 -11.14
CA ALA A 349 20.42 -0.33 -11.90
C ALA A 349 21.38 0.57 -11.11
N LYS A 350 21.20 0.66 -9.79
CA LYS A 350 22.05 1.50 -8.89
C LYS A 350 23.48 0.93 -8.84
N THR A 351 23.62 -0.40 -8.97
CA THR A 351 24.93 -1.10 -9.04
C THR A 351 25.58 -0.86 -10.41
N TYR A 352 24.76 -0.77 -11.46
CA TYR A 352 25.24 -0.45 -12.83
C TYR A 352 25.75 1.00 -12.86
N GLU A 353 24.97 1.92 -12.29
CA GLU A 353 25.33 3.36 -12.17
C GLU A 353 26.67 3.45 -11.43
N ALA A 354 26.80 2.73 -10.33
CA ALA A 354 27.99 2.77 -9.42
C ALA A 354 29.23 2.31 -10.18
N THR A 355 29.11 1.23 -10.95
CA THR A 355 30.24 0.62 -11.72
C THR A 355 30.78 1.64 -12.72
N LEU A 356 29.90 2.38 -13.41
CA LEU A 356 30.30 3.39 -14.42
C LEU A 356 30.90 4.62 -13.73
N GLU A 357 30.32 5.05 -12.60
CA GLU A 357 30.88 6.16 -11.78
C GLU A 357 32.33 5.84 -11.43
N LYS A 358 32.59 4.65 -10.91
CA LYS A 358 33.94 4.15 -10.51
C LYS A 358 34.80 3.97 -11.76
N CYS A 359 34.34 3.15 -12.72
CA CYS A 359 35.16 2.64 -13.86
C CYS A 359 35.54 3.78 -14.81
N CYS A 360 34.73 4.84 -14.90
CA CYS A 360 34.94 5.98 -15.83
C CYS A 360 35.74 7.10 -15.14
N ALA A 361 36.33 6.82 -13.97
CA ALA A 361 37.35 7.68 -13.31
C ALA A 361 38.76 7.11 -13.54
N GLU A 362 38.87 5.79 -13.80
CA GLU A 362 40.15 5.03 -13.89
C GLU A 362 40.77 5.16 -15.29
N ALA A 363 42.01 4.71 -15.45
CA ALA A 363 42.86 4.87 -16.67
C ALA A 363 42.20 4.21 -17.88
N ASP A 364 41.92 2.90 -17.79
CA ASP A 364 41.27 2.07 -18.83
C ASP A 364 39.92 1.59 -18.31
N PRO A 365 38.81 2.33 -18.56
CA PRO A 365 37.47 1.90 -18.14
C PRO A 365 36.96 0.60 -18.76
N PRO A 366 36.99 0.42 -20.11
CA PRO A 366 36.43 -0.79 -20.74
C PRO A 366 36.75 -2.12 -20.02
N ALA A 367 38.03 -2.31 -19.68
CA ALA A 367 38.56 -3.49 -18.93
C ALA A 367 37.95 -3.55 -17.52
N CYS A 368 37.57 -2.41 -16.95
CA CYS A 368 36.92 -2.27 -15.61
C CYS A 368 35.46 -2.74 -15.68
N TYR A 369 34.64 -2.11 -16.54
CA TYR A 369 33.17 -2.29 -16.57
C TYR A 369 32.76 -3.45 -17.51
N ARG A 370 33.73 -4.17 -18.06
CA ARG A 370 33.50 -5.36 -18.94
C ARG A 370 32.67 -6.42 -18.20
N THR A 371 32.82 -6.53 -16.87
CA THR A 371 32.20 -7.57 -16.01
C THR A 371 31.15 -6.95 -15.07
N VAL A 372 30.50 -5.86 -15.48
CA VAL A 372 29.50 -5.13 -14.63
C VAL A 372 28.33 -6.07 -14.32
N PHE A 373 27.89 -6.88 -15.31
CA PHE A 373 26.70 -7.76 -15.22
C PHE A 373 26.91 -8.85 -14.14
N ASP A 374 28.16 -9.25 -13.91
CA ASP A 374 28.53 -10.30 -12.92
C ASP A 374 28.47 -9.73 -11.49
N GLN A 375 28.40 -8.40 -11.32
CA GLN A 375 28.24 -7.72 -10.01
C GLN A 375 26.77 -7.81 -9.56
N PHE A 376 25.89 -8.27 -10.45
CA PHE A 376 24.43 -8.39 -10.20
C PHE A 376 24.12 -9.74 -9.54
N THR A 377 24.91 -10.77 -9.85
CA THR A 377 24.61 -12.18 -9.44
C THR A 377 24.42 -12.24 -7.93
N PRO A 378 25.30 -11.67 -7.08
CA PRO A 378 25.06 -11.71 -5.62
C PRO A 378 23.79 -10.97 -5.18
N LEU A 379 23.44 -9.86 -5.87
CA LEU A 379 22.20 -9.08 -5.59
C LEU A 379 20.95 -9.93 -5.87
N VAL A 380 21.04 -10.89 -6.81
CA VAL A 380 19.89 -11.76 -7.23
C VAL A 380 19.78 -12.95 -6.28
N GLU A 381 20.90 -13.52 -5.82
CA GLU A 381 20.92 -14.76 -5.00
C GLU A 381 20.44 -14.46 -3.57
N GLU A 382 20.75 -13.27 -3.03
CA GLU A 382 20.36 -12.87 -1.65
C GLU A 382 18.85 -12.96 -1.50
N PRO A 383 18.02 -12.23 -2.29
CA PRO A 383 16.56 -12.34 -2.21
C PRO A 383 16.02 -13.75 -2.44
N LYS A 384 16.55 -14.47 -3.43
CA LYS A 384 16.12 -15.85 -3.80
C LYS A 384 16.28 -16.77 -2.58
N SER A 385 17.39 -16.64 -1.84
CA SER A 385 17.66 -17.39 -0.58
C SER A 385 16.53 -17.11 0.42
N LEU A 386 16.30 -15.83 0.72
CA LEU A 386 15.32 -15.36 1.74
C LEU A 386 13.90 -15.82 1.37
N VAL A 387 13.56 -15.90 0.09
CA VAL A 387 12.21 -16.34 -0.38
C VAL A 387 12.08 -17.85 -0.18
N LYS A 388 13.09 -18.62 -0.60
CA LYS A 388 13.11 -20.10 -0.45
C LYS A 388 12.99 -20.45 1.04
N LYS A 389 13.78 -19.79 1.90
CA LYS A 389 13.85 -20.03 3.37
C LYS A 389 12.49 -19.74 4.02
N ASN A 390 11.87 -18.61 3.70
CA ASN A 390 10.60 -18.16 4.31
C ASN A 390 9.45 -19.04 3.80
N CYS A 391 9.47 -19.44 2.52
CA CYS A 391 8.42 -20.31 1.93
C CYS A 391 8.54 -21.75 2.45
N ASP A 392 9.76 -22.22 2.69
CA ASP A 392 10.02 -23.56 3.29
C ASP A 392 9.43 -23.57 4.71
N LEU A 393 9.58 -22.47 5.44
CA LEU A 393 9.04 -22.31 6.82
C LEU A 393 7.51 -22.20 6.76
N PHE A 394 6.97 -21.41 5.82
CA PHE A 394 5.51 -21.14 5.70
C PHE A 394 4.76 -22.45 5.40
N GLU A 395 5.20 -23.18 4.38
CA GLU A 395 4.55 -24.43 3.90
C GLU A 395 4.55 -25.47 5.03
N GLU A 396 5.55 -25.40 5.92
CA GLU A 396 5.76 -26.37 7.02
C GLU A 396 4.79 -26.08 8.18
N VAL A 397 4.71 -24.82 8.64
CA VAL A 397 4.07 -24.45 9.94
C VAL A 397 2.74 -23.70 9.72
N GLY A 398 2.49 -23.17 8.51
CA GLY A 398 1.21 -22.52 8.16
C GLY A 398 1.19 -21.03 8.52
N GLU A 399 0.13 -20.34 8.12
CA GLU A 399 0.00 -18.85 8.17
C GLU A 399 0.18 -18.34 9.61
N TYR A 400 -0.47 -18.96 10.60
CA TYR A 400 -0.51 -18.46 12.00
C TYR A 400 0.87 -18.54 12.65
N ASP A 401 1.59 -19.65 12.47
CA ASP A 401 2.93 -19.90 13.09
C ASP A 401 4.00 -19.07 12.36
N PHE A 402 3.92 -19.04 11.02
CA PHE A 402 4.78 -18.19 10.15
C PHE A 402 4.62 -16.74 10.55
N GLN A 403 3.38 -16.26 10.71
CA GLN A 403 3.07 -14.91 11.25
C GLN A 403 3.74 -14.77 12.61
N ASN A 404 3.67 -15.80 13.45
CA ASN A 404 4.24 -15.81 14.82
C ASN A 404 5.76 -15.68 14.72
N ALA A 405 6.39 -16.43 13.82
CA ALA A 405 7.85 -16.38 13.55
C ALA A 405 8.28 -14.96 13.15
N LEU A 406 7.44 -14.26 12.40
CA LEU A 406 7.74 -12.90 11.86
C LEU A 406 7.52 -11.85 12.94
N ILE A 407 6.50 -12.03 13.80
CA ILE A 407 6.23 -11.11 14.95
C ILE A 407 7.44 -11.17 15.89
N VAL A 408 8.01 -12.35 16.10
CA VAL A 408 9.23 -12.51 16.95
C VAL A 408 10.40 -11.84 16.23
N ARG A 409 10.56 -12.08 14.92
CA ARG A 409 11.69 -11.55 14.12
C ARG A 409 11.71 -10.01 14.26
N TYR A 410 10.56 -9.36 14.07
CA TYR A 410 10.46 -7.88 13.95
C TYR A 410 10.32 -7.23 15.33
N THR A 411 9.87 -7.96 16.36
CA THR A 411 9.79 -7.43 17.75
C THR A 411 11.21 -7.38 18.33
N LYS A 412 12.06 -8.33 17.93
CA LYS A 412 13.51 -8.33 18.27
C LYS A 412 14.21 -7.16 17.56
N LYS A 413 13.80 -6.82 16.34
CA LYS A 413 14.44 -5.76 15.51
C LYS A 413 14.07 -4.38 16.08
N ALA A 414 12.80 -4.22 16.48
CA ALA A 414 12.20 -2.93 16.87
C ALA A 414 11.27 -3.11 18.07
N PRO A 415 11.81 -3.48 19.25
CA PRO A 415 10.97 -3.69 20.43
C PRO A 415 10.31 -2.41 20.98
N GLN A 416 10.75 -1.22 20.54
CA GLN A 416 10.18 0.09 20.95
C GLN A 416 8.84 0.32 20.23
N VAL A 417 8.62 -0.36 19.10
CA VAL A 417 7.38 -0.21 18.28
C VAL A 417 6.19 -0.83 19.04
N SER A 418 5.04 -0.16 19.01
CA SER A 418 3.80 -0.58 19.71
C SER A 418 3.48 -2.03 19.36
N THR A 419 2.85 -2.76 20.29
CA THR A 419 2.46 -4.19 20.10
C THR A 419 1.43 -4.29 18.98
N PRO A 420 0.40 -3.40 18.90
CA PRO A 420 -0.56 -3.45 17.80
C PRO A 420 0.12 -3.34 16.43
N THR A 421 1.06 -2.40 16.28
CA THR A 421 1.86 -2.18 15.04
C THR A 421 2.68 -3.43 14.69
N LEU A 422 3.49 -3.94 15.62
CA LEU A 422 4.30 -5.17 15.40
C LEU A 422 3.38 -6.30 14.95
N VAL A 423 2.25 -6.49 15.62
CA VAL A 423 1.29 -7.62 15.36
C VAL A 423 0.72 -7.48 13.93
N GLU A 424 0.24 -6.28 13.58
CA GLU A 424 -0.32 -5.94 12.23
C GLU A 424 0.72 -6.22 11.14
N ILE A 425 1.98 -5.83 11.36
CA ILE A 425 3.09 -5.99 10.37
C ILE A 425 3.44 -7.49 10.25
N GLY A 426 3.59 -8.17 11.38
CA GLY A 426 3.84 -9.62 11.40
C GLY A 426 2.76 -10.36 10.63
N ARG A 427 1.51 -9.97 10.83
CA ARG A 427 0.33 -10.64 10.22
C ARG A 427 0.32 -10.34 8.72
N THR A 428 0.60 -9.08 8.34
CA THR A 428 0.62 -8.64 6.92
C THR A 428 1.75 -9.38 6.19
N LEU A 429 2.94 -9.45 6.80
CA LEU A 429 4.12 -10.19 6.26
C LEU A 429 3.76 -11.68 6.10
N GLY A 430 2.98 -12.23 7.04
CA GLY A 430 2.49 -13.62 6.98
C GLY A 430 1.62 -13.88 5.75
N LYS A 431 0.74 -12.94 5.39
CA LYS A 431 -0.13 -13.00 4.18
C LYS A 431 0.75 -13.15 2.93
N VAL A 432 1.92 -12.51 2.92
CA VAL A 432 2.87 -12.55 1.77
C VAL A 432 3.22 -14.02 1.49
N GLY A 433 3.43 -14.82 2.54
CA GLY A 433 3.70 -16.26 2.39
C GLY A 433 2.54 -16.97 1.74
N SER A 434 1.32 -16.72 2.22
CA SER A 434 0.05 -17.33 1.75
C SER A 434 -0.17 -17.02 0.27
N ARG A 435 0.06 -15.76 -0.13
CA ARG A 435 -0.23 -15.24 -1.48
C ARG A 435 0.82 -15.73 -2.49
N CYS A 436 2.10 -15.76 -2.10
CA CYS A 436 3.25 -15.85 -3.05
C CYS A 436 3.82 -17.27 -3.13
N CYS A 437 3.94 -17.98 -2.00
CA CYS A 437 4.60 -19.31 -1.91
C CYS A 437 3.86 -20.34 -2.78
N LYS A 438 2.54 -20.20 -2.96
CA LYS A 438 1.71 -21.16 -3.72
C LYS A 438 1.91 -20.93 -5.23
N LEU A 439 2.47 -19.78 -5.63
CA LEU A 439 2.64 -19.40 -7.06
C LEU A 439 3.77 -20.21 -7.68
N PRO A 440 3.73 -20.44 -9.02
CA PRO A 440 4.85 -21.04 -9.73
C PRO A 440 6.17 -20.38 -9.29
N GLU A 441 7.19 -21.17 -8.96
CA GLU A 441 8.38 -20.72 -8.19
C GLU A 441 9.09 -19.58 -8.94
N SER A 442 8.89 -19.44 -10.25
CA SER A 442 9.45 -18.34 -11.08
C SER A 442 8.85 -17.00 -10.66
N GLU A 443 7.58 -17.01 -10.24
CA GLU A 443 6.76 -15.81 -9.89
C GLU A 443 6.86 -15.50 -8.39
N ARG A 444 7.58 -16.30 -7.60
CA ARG A 444 7.65 -16.18 -6.11
C ARG A 444 8.43 -14.93 -5.68
N LEU A 445 9.66 -14.75 -6.19
CA LEU A 445 10.55 -13.63 -5.81
C LEU A 445 9.85 -12.31 -6.07
N PRO A 446 9.36 -12.03 -7.31
CA PRO A 446 8.73 -10.74 -7.59
C PRO A 446 7.53 -10.52 -6.66
N CYS A 447 6.64 -11.51 -6.54
CA CYS A 447 5.46 -11.49 -5.64
C CYS A 447 5.90 -11.09 -4.23
N SER A 448 6.84 -11.84 -3.65
CA SER A 448 7.31 -11.69 -2.26
C SER A 448 7.83 -10.26 -2.02
N GLU A 449 8.83 -9.81 -2.80
CA GLU A 449 9.53 -8.53 -2.54
C GLU A 449 8.60 -7.33 -2.83
N ASN A 450 7.69 -7.48 -3.80
CA ASN A 450 6.76 -6.38 -4.21
C ASN A 450 5.68 -6.21 -3.14
N HIS A 451 5.38 -7.27 -2.38
CA HIS A 451 4.37 -7.26 -1.28
C HIS A 451 5.07 -6.89 0.03
N LEU A 452 6.31 -7.34 0.23
CA LEU A 452 7.18 -6.85 1.33
C LEU A 452 7.29 -5.33 1.29
N ALA A 453 7.41 -4.74 0.10
CA ALA A 453 7.52 -3.27 -0.11
C ALA A 453 6.27 -2.59 0.44
N LEU A 454 5.09 -3.18 0.19
CA LEU A 454 3.79 -2.69 0.71
C LEU A 454 3.78 -2.80 2.24
N ALA A 455 4.04 -4.00 2.79
CA ALA A 455 4.10 -4.28 4.25
C ALA A 455 5.06 -3.32 4.96
N LEU A 456 6.26 -3.14 4.40
CA LEU A 456 7.34 -2.32 5.02
C LEU A 456 7.02 -0.83 4.88
N ASN A 457 6.34 -0.42 3.81
CA ASN A 457 5.89 0.98 3.65
C ASN A 457 4.78 1.27 4.68
N ARG A 458 3.93 0.28 4.96
CA ARG A 458 2.91 0.38 6.03
C ARG A 458 3.64 0.71 7.34
N LEU A 459 4.58 -0.15 7.74
CA LEU A 459 5.40 0.01 8.97
C LEU A 459 6.04 1.40 8.99
N CYS A 460 6.60 1.83 7.86
CA CYS A 460 7.28 3.16 7.73
C CYS A 460 6.28 4.30 7.91
N VAL A 461 5.06 4.13 7.39
CA VAL A 461 3.98 5.15 7.50
C VAL A 461 3.58 5.26 8.97
N LEU A 462 3.30 4.13 9.63
CA LEU A 462 2.95 4.05 11.07
C LEU A 462 4.08 4.70 11.88
N HIS A 463 5.33 4.54 11.44
CA HIS A 463 6.53 4.97 12.19
C HIS A 463 6.76 6.47 12.03
N GLU A 464 6.24 7.12 10.98
CA GLU A 464 6.29 8.60 10.83
C GLU A 464 5.41 9.24 11.92
N LYS A 465 4.23 8.64 12.13
CA LYS A 465 3.20 9.07 13.12
C LYS A 465 3.80 9.02 14.53
N THR A 466 4.35 7.86 14.90
CA THR A 466 4.90 7.57 16.25
C THR A 466 6.33 7.05 16.11
N PRO A 467 7.32 7.92 15.84
CA PRO A 467 8.71 7.48 15.73
C PRO A 467 9.28 7.03 17.09
N VAL A 468 9.86 5.83 17.14
CA VAL A 468 10.42 5.21 18.37
C VAL A 468 11.83 4.68 18.14
N SER A 469 12.23 4.44 16.89
CA SER A 469 13.48 3.72 16.53
C SER A 469 14.27 4.48 15.46
N GLU A 470 15.53 4.81 15.75
CA GLU A 470 16.47 5.46 14.78
C GLU A 470 16.84 4.46 13.68
N LYS A 471 16.92 3.17 14.01
CA LYS A 471 17.23 2.08 13.04
C LYS A 471 16.14 2.01 11.97
N ILE A 472 14.87 2.11 12.37
CA ILE A 472 13.70 2.09 11.44
C ILE A 472 13.68 3.37 10.60
N THR A 473 13.86 4.53 11.23
CA THR A 473 13.92 5.83 10.52
C THR A 473 14.92 5.71 9.37
N LYS A 474 16.15 5.29 9.67
CA LYS A 474 17.25 5.12 8.68
C LYS A 474 16.77 4.20 7.55
N CYS A 475 16.21 3.03 7.88
CA CYS A 475 15.72 2.04 6.88
C CYS A 475 14.60 2.64 6.01
N CYS A 476 13.75 3.50 6.57
CA CYS A 476 12.55 4.06 5.90
C CYS A 476 12.92 5.26 5.00
N THR A 477 13.99 5.98 5.34
CA THR A 477 14.32 7.31 4.75
C THR A 477 15.59 7.26 3.88
N ASP A 478 16.50 6.30 4.11
CA ASP A 478 17.85 6.28 3.46
C ASP A 478 17.71 6.08 1.95
N SER A 479 17.17 4.93 1.53
CA SER A 479 17.12 4.47 0.12
C SER A 479 15.86 3.62 -0.09
N LEU A 480 15.08 3.93 -1.13
CA LEU A 480 13.81 3.24 -1.46
C LEU A 480 14.14 1.80 -1.88
N ALA A 481 15.18 1.62 -2.69
CA ALA A 481 15.57 0.33 -3.30
C ALA A 481 16.20 -0.59 -2.26
N GLU A 482 16.86 -0.03 -1.24
CA GLU A 482 17.66 -0.76 -0.22
C GLU A 482 16.83 -1.03 1.05
N ARG A 483 15.55 -0.64 1.07
CA ARG A 483 14.66 -0.79 2.26
C ARG A 483 14.61 -2.24 2.75
N ARG A 484 14.11 -3.17 1.94
CA ARG A 484 13.93 -4.59 2.36
C ARG A 484 15.26 -5.13 2.86
N PRO A 485 16.38 -5.02 2.10
CA PRO A 485 17.70 -5.39 2.61
C PRO A 485 18.06 -4.71 3.94
N CYS A 486 17.71 -3.43 4.10
CA CYS A 486 17.99 -2.62 5.33
C CYS A 486 17.27 -3.24 6.53
N PHE A 487 15.98 -3.56 6.37
CA PHE A 487 15.12 -4.17 7.43
C PHE A 487 15.59 -5.59 7.72
N SER A 488 15.93 -6.37 6.68
CA SER A 488 16.46 -7.75 6.79
C SER A 488 17.72 -7.76 7.67
N ALA A 489 18.50 -6.66 7.60
CA ALA A 489 19.83 -6.51 8.21
C ALA A 489 19.73 -6.22 9.70
N LEU A 490 18.61 -5.68 10.17
CA LEU A 490 18.41 -5.31 11.60
C LEU A 490 18.51 -6.57 12.46
N GLU A 491 19.23 -6.50 13.58
CA GLU A 491 19.27 -7.54 14.65
C GLU A 491 18.70 -6.92 15.93
N LEU A 492 18.53 -7.71 16.99
CA LEU A 492 18.16 -7.20 18.34
C LEU A 492 19.22 -6.20 18.81
N ASP A 493 18.77 -5.05 19.33
CA ASP A 493 19.66 -4.00 19.90
C ASP A 493 20.20 -4.48 21.25
N GLU A 494 21.48 -4.82 21.33
CA GLU A 494 22.16 -5.32 22.55
C GLU A 494 22.03 -4.30 23.69
N GLY A 495 21.75 -3.03 23.36
CA GLY A 495 21.56 -1.94 24.33
C GLY A 495 20.10 -1.68 24.66
N TYR A 496 19.18 -2.60 24.34
CA TYR A 496 17.74 -2.52 24.68
C TYR A 496 17.56 -2.94 26.14
N VAL A 497 16.66 -2.27 26.87
CA VAL A 497 16.33 -2.62 28.30
C VAL A 497 15.04 -3.43 28.28
N PRO A 498 15.07 -4.72 28.66
CA PRO A 498 13.88 -5.56 28.69
C PRO A 498 12.69 -4.89 29.38
N LYS A 499 11.51 -5.07 28.79
CA LYS A 499 10.21 -4.54 29.25
C LYS A 499 9.98 -4.97 30.71
N GLU A 500 9.63 -4.00 31.54
CA GLU A 500 9.21 -4.20 32.96
C GLU A 500 8.05 -5.20 32.96
N PHE A 501 8.21 -6.36 33.60
CA PHE A 501 7.18 -7.43 33.63
C PHE A 501 5.93 -6.94 34.36
N LYS A 502 4.80 -6.84 33.64
CA LYS A 502 3.46 -6.49 34.18
C LYS A 502 2.54 -7.70 33.99
N ALA A 503 2.09 -8.30 35.09
CA ALA A 503 1.34 -9.57 35.12
C ALA A 503 0.03 -9.45 34.32
N GLU A 504 -0.64 -8.29 34.40
CA GLU A 504 -1.98 -8.11 33.77
C GLU A 504 -1.84 -8.11 32.24
N THR A 505 -0.64 -7.87 31.71
CA THR A 505 -0.33 -7.90 30.27
C THR A 505 -0.63 -9.30 29.69
N PHE A 506 -0.41 -10.35 30.50
CA PHE A 506 -0.54 -11.79 30.11
C PHE A 506 -1.74 -12.43 30.79
N THR A 507 -2.66 -11.61 31.33
CA THR A 507 -3.89 -12.04 32.02
C THR A 507 -5.02 -12.21 30.99
N PHE A 508 -5.61 -13.40 30.93
CA PHE A 508 -6.72 -13.77 30.00
C PHE A 508 -7.98 -14.00 30.81
N HIS A 509 -9.16 -13.74 30.21
CA HIS A 509 -10.50 -13.94 30.83
C HIS A 509 -11.42 -14.60 29.80
N ALA A 510 -12.67 -14.91 30.19
CA ALA A 510 -13.61 -15.72 29.37
C ALA A 510 -14.02 -14.94 28.12
N ASP A 511 -14.00 -13.61 28.17
CA ASP A 511 -14.32 -12.68 27.05
C ASP A 511 -13.70 -13.20 25.73
N ILE A 512 -12.51 -13.78 25.79
CA ILE A 512 -11.74 -14.27 24.59
C ILE A 512 -12.51 -15.39 23.89
N CYS A 513 -13.24 -16.22 24.63
CA CYS A 513 -13.84 -17.49 24.15
C CYS A 513 -14.93 -17.19 23.10
N THR A 514 -15.64 -16.07 23.25
CA THR A 514 -16.75 -15.65 22.34
C THR A 514 -16.19 -14.97 21.08
N LEU A 515 -14.90 -14.60 21.07
CA LEU A 515 -14.28 -13.82 19.96
C LEU A 515 -14.17 -14.65 18.69
N PRO A 516 -14.28 -14.03 17.49
CA PRO A 516 -14.00 -14.72 16.22
C PRO A 516 -12.57 -15.28 16.20
N GLU A 517 -12.31 -16.25 15.32
CA GLU A 517 -10.99 -16.94 15.19
C GLU A 517 -9.85 -15.91 15.17
N ASP A 518 -9.85 -14.99 14.19
CA ASP A 518 -8.71 -14.06 13.95
C ASP A 518 -8.55 -13.12 15.14
N GLU A 519 -9.64 -12.75 15.81
CA GLU A 519 -9.60 -11.82 16.97
C GLU A 519 -8.91 -12.51 18.15
N LYS A 520 -9.11 -13.82 18.35
CA LYS A 520 -8.34 -14.66 19.32
C LYS A 520 -6.85 -14.65 18.94
N GLN A 521 -6.53 -14.95 17.68
CA GLN A 521 -5.15 -14.95 17.15
C GLN A 521 -4.48 -13.62 17.54
N ILE A 522 -5.14 -12.51 17.23
CA ILE A 522 -4.56 -11.16 17.49
C ILE A 522 -4.23 -11.06 18.99
N LYS A 523 -5.14 -11.48 19.87
CA LYS A 523 -4.95 -11.39 21.35
C LYS A 523 -3.74 -12.24 21.75
N LYS A 524 -3.60 -13.43 21.17
CA LYS A 524 -2.50 -14.38 21.50
C LYS A 524 -1.19 -13.82 20.92
N GLN A 525 -1.26 -13.27 19.70
CA GLN A 525 -0.07 -12.72 18.99
C GLN A 525 0.39 -11.44 19.69
N SER A 526 -0.54 -10.61 20.17
CA SER A 526 -0.24 -9.44 21.04
C SER A 526 0.58 -9.90 22.24
N ALA A 527 0.21 -11.04 22.83
CA ALA A 527 0.89 -11.65 24.00
C ALA A 527 2.28 -12.11 23.61
N LEU A 528 2.42 -12.76 22.45
CA LEU A 528 3.74 -13.22 21.91
C LEU A 528 4.71 -12.03 21.87
N ALA A 529 4.28 -10.91 21.29
CA ALA A 529 5.09 -9.67 21.14
C ALA A 529 5.55 -9.20 22.52
N GLU A 530 4.64 -9.19 23.49
CA GLU A 530 4.90 -8.72 24.88
C GLU A 530 5.92 -9.65 25.55
N LEU A 531 5.92 -10.94 25.20
CA LEU A 531 6.91 -11.94 25.70
C LEU A 531 8.30 -11.57 25.16
N VAL A 532 8.42 -11.32 23.85
CA VAL A 532 9.71 -10.93 23.21
C VAL A 532 10.23 -9.65 23.88
N LYS A 533 9.35 -8.70 24.16
CA LYS A 533 9.73 -7.39 24.76
C LYS A 533 10.31 -7.60 26.18
N HIS A 534 9.76 -8.53 26.97
CA HIS A 534 10.18 -8.81 28.37
C HIS A 534 11.42 -9.72 28.40
N LYS A 535 11.49 -10.70 27.49
CA LYS A 535 12.63 -11.65 27.36
C LYS A 535 13.13 -11.64 25.93
N PRO A 536 13.75 -10.52 25.48
CA PRO A 536 14.20 -10.40 24.09
C PRO A 536 15.36 -11.33 23.67
N LYS A 537 16.08 -11.93 24.62
CA LYS A 537 17.20 -12.86 24.36
C LYS A 537 16.68 -14.31 24.32
N ALA A 538 15.38 -14.52 24.52
CA ALA A 538 14.72 -15.84 24.42
C ALA A 538 14.78 -16.31 22.95
N THR A 539 15.11 -17.57 22.72
CA THR A 539 15.16 -18.16 21.35
C THR A 539 13.74 -18.28 20.82
N LYS A 540 13.57 -18.20 19.50
CA LYS A 540 12.27 -18.38 18.79
C LYS A 540 11.65 -19.72 19.18
N GLU A 541 12.47 -20.74 19.45
CA GLU A 541 12.01 -22.11 19.82
C GLU A 541 11.46 -22.10 21.25
N GLN A 542 12.07 -21.32 22.16
CA GLN A 542 11.58 -21.06 23.55
C GLN A 542 10.18 -20.42 23.46
N LEU A 543 10.05 -19.30 22.74
CA LEU A 543 8.79 -18.53 22.60
C LEU A 543 7.68 -19.42 22.01
N LYS A 544 8.00 -20.24 21.01
CA LYS A 544 7.00 -21.11 20.36
C LYS A 544 6.38 -22.01 21.44
N THR A 545 7.21 -22.63 22.28
CA THR A 545 6.80 -23.54 23.38
C THR A 545 5.82 -22.82 24.31
N VAL A 546 6.24 -21.67 24.83
CA VAL A 546 5.51 -20.88 25.86
C VAL A 546 4.14 -20.46 25.31
N LEU A 547 4.06 -19.99 24.05
CA LEU A 547 2.77 -19.55 23.44
C LEU A 547 1.89 -20.78 23.16
N GLY A 548 2.49 -21.90 22.82
CA GLY A 548 1.77 -23.18 22.75
C GLY A 548 0.99 -23.42 24.02
N ASN A 549 1.66 -23.26 25.18
CA ASN A 549 1.11 -23.41 26.55
C ASN A 549 -0.03 -22.42 26.77
N PHE A 550 0.11 -21.21 26.23
CA PHE A 550 -0.91 -20.12 26.29
C PHE A 550 -2.15 -20.55 25.51
N SER A 551 -1.97 -21.04 24.27
CA SER A 551 -3.05 -21.55 23.39
C SER A 551 -3.80 -22.70 24.08
N ALA A 552 -3.06 -23.71 24.55
CA ALA A 552 -3.57 -24.89 25.28
C ALA A 552 -4.46 -24.41 26.42
N PHE A 553 -3.94 -23.50 27.24
CA PHE A 553 -4.58 -22.92 28.45
C PHE A 553 -5.91 -22.27 28.06
N VAL A 554 -5.95 -21.55 26.92
CA VAL A 554 -7.13 -20.78 26.46
C VAL A 554 -8.20 -21.77 25.97
N ALA A 555 -7.79 -22.74 25.15
CA ALA A 555 -8.68 -23.81 24.61
C ALA A 555 -9.31 -24.58 25.77
N LYS A 556 -8.48 -24.97 26.75
CA LYS A 556 -8.91 -25.72 27.95
C LYS A 556 -10.00 -24.93 28.68
N CYS A 557 -9.72 -23.67 29.05
CA CYS A 557 -10.62 -22.87 29.92
C CYS A 557 -11.88 -22.45 29.17
N CYS A 558 -11.83 -22.29 27.85
CA CYS A 558 -13.02 -21.94 27.03
C CYS A 558 -13.95 -23.17 26.97
N GLY A 559 -13.41 -24.37 27.18
CA GLY A 559 -14.18 -25.63 27.18
C GLY A 559 -14.50 -26.11 28.59
N ALA A 560 -14.15 -25.33 29.62
CA ALA A 560 -14.37 -25.64 31.04
C ALA A 560 -15.82 -25.32 31.44
N GLU A 561 -16.32 -25.96 32.49
CA GLU A 561 -17.66 -25.67 33.06
C GLU A 561 -17.65 -24.22 33.56
N ASP A 562 -16.77 -23.91 34.51
CA ASP A 562 -16.57 -22.54 35.06
C ASP A 562 -15.33 -21.92 34.38
N LYS A 563 -15.56 -21.28 33.23
CA LYS A 563 -14.50 -20.65 32.39
C LYS A 563 -13.72 -19.63 33.22
N GLU A 564 -14.41 -18.72 33.90
CA GLU A 564 -13.76 -17.61 34.64
C GLU A 564 -12.89 -18.20 35.77
N ALA A 565 -13.42 -19.18 36.50
CA ALA A 565 -12.69 -19.87 37.60
C ALA A 565 -11.43 -20.53 37.06
N CYS A 566 -11.50 -21.09 35.85
CA CYS A 566 -10.39 -21.79 35.15
C CYS A 566 -9.26 -20.79 34.85
N PHE A 567 -9.59 -19.64 34.24
CA PHE A 567 -8.62 -18.57 33.89
C PHE A 567 -7.95 -18.04 35.16
N ALA A 568 -8.76 -17.84 36.22
CA ALA A 568 -8.33 -17.24 37.51
C ALA A 568 -7.31 -18.13 38.22
N GLU A 569 -7.53 -19.45 38.21
CA GLU A 569 -6.68 -20.46 38.91
C GLU A 569 -5.47 -20.82 38.05
N GLU A 570 -5.69 -21.12 36.76
CA GLU A 570 -4.64 -21.64 35.84
C GLU A 570 -3.71 -20.50 35.40
N GLY A 571 -4.27 -19.31 35.15
CA GLY A 571 -3.59 -18.18 34.49
C GLY A 571 -2.29 -17.77 35.18
N PRO A 572 -2.31 -17.42 36.48
CA PRO A 572 -1.11 -16.96 37.19
C PRO A 572 0.03 -18.00 37.23
N LYS A 573 -0.32 -19.29 37.37
CA LYS A 573 0.64 -20.44 37.33
C LYS A 573 1.37 -20.44 35.98
N LEU A 574 0.61 -20.34 34.89
CA LEU A 574 1.13 -20.36 33.51
C LEU A 574 2.10 -19.19 33.31
N VAL A 575 1.70 -17.98 33.72
CA VAL A 575 2.50 -16.74 33.57
C VAL A 575 3.81 -16.90 34.34
N ALA A 576 3.74 -17.42 35.57
CA ALA A 576 4.89 -17.64 36.48
C ALA A 576 5.93 -18.56 35.81
N SER A 577 5.51 -19.75 35.38
CA SER A 577 6.40 -20.78 34.81
C SER A 577 6.87 -20.34 33.42
N SER A 578 6.07 -19.54 32.71
CA SER A 578 6.42 -18.95 31.38
C SER A 578 7.68 -18.08 31.50
N GLN A 579 7.79 -17.27 32.56
CA GLN A 579 8.98 -16.41 32.85
C GLN A 579 10.27 -17.24 32.91
N LEU A 580 10.19 -18.44 33.48
CA LEU A 580 11.37 -19.31 33.75
C LEU A 580 11.77 -20.04 32.48
N ALA A 581 10.80 -20.31 31.59
CA ALA A 581 11.00 -21.06 30.33
C ALA A 581 11.67 -20.18 29.27
N LEU A 582 11.60 -18.85 29.46
CA LEU A 582 12.08 -17.82 28.49
C LEU A 582 13.44 -17.24 28.93
N ALA A 583 14.11 -17.83 29.91
CA ALA A 583 15.41 -17.34 30.46
C ALA A 583 16.47 -17.34 29.35
UNK UNX B . 2.40 -6.30 -8.58
UNK UNX C . 3.52 -8.89 -7.95
UNK UNX D . 0.73 -5.51 -10.52
UNK UNX E . 2.47 -3.57 -9.34
C10 PWY F . 11.36 -12.61 2.60
C11 PWY F . 12.52 -10.05 5.13
O1 PWY F . 12.98 -10.11 7.49
C12 PWY F . 13.27 -10.48 6.36
O2 PWY F . 14.26 -11.28 6.08
C8 PWY F . 11.69 -11.12 4.47
C9 PWY F . 12.15 -11.74 3.31
C3 PWY F . 10.06 -12.92 3.04
C2 PWY F . 9.18 -13.75 2.30
C7 PWY F . 10.44 -11.45 4.95
C4 PWY F . 9.60 -12.33 4.25
C5 PWY F . 8.27 -12.61 4.68
C6 PWY F . 7.45 -13.40 3.95
C1 PWY F . 7.90 -13.96 2.75
O PWY F . 6.88 -14.67 2.16
C PWY F . 7.12 -15.28 0.88
C10 PWY G . 16.25 6.50 -8.93
C11 PWY G . 16.10 4.33 -5.84
O1 PWY G . 17.09 4.45 -3.66
C12 PWY G . 16.99 4.91 -4.77
O2 PWY G . 17.67 5.97 -5.16
C8 PWY G . 16.38 4.78 -7.26
C9 PWY G . 16.07 6.08 -7.65
C3 PWY G . 16.75 5.61 -9.92
C2 PWY G . 16.89 5.98 -11.28
C7 PWY G . 16.88 3.91 -8.18
C4 PWY G . 17.08 4.29 -9.54
C5 PWY G . 17.55 3.39 -10.52
C6 PWY G . 17.66 3.78 -11.82
C1 PWY G . 17.32 5.07 -12.21
O PWY G . 17.43 5.22 -13.57
C PWY G . 17.04 6.47 -14.16
C10 PWY H . 9.23 -18.77 15.74
C11 PWY H . 10.11 -21.29 13.08
O1 PWY H . 10.89 -22.44 14.98
C12 PWY H . 11.22 -22.04 13.77
O2 PWY H . 12.30 -22.24 13.26
C8 PWY H . 9.29 -20.45 14.03
C9 PWY H . 9.90 -19.43 14.76
C3 PWY H . 7.90 -19.12 16.07
C2 PWY H . 7.23 -18.57 17.18
C7 PWY H . 7.98 -20.75 14.28
C4 PWY H . 7.25 -20.11 15.30
C5 PWY H . 5.94 -20.50 15.66
C6 PWY H . 5.34 -19.96 16.74
C1 PWY H . 5.99 -19.02 17.52
O PWY H . 5.42 -18.57 18.68
C PWY H . 4.13 -19.05 19.01
S SO4 I . 23.20 -10.61 -22.95
O1 SO4 I . 23.70 -10.75 -21.61
O2 SO4 I . 22.60 -11.85 -23.36
O3 SO4 I . 24.28 -10.30 -23.84
O4 SO4 I . 22.22 -9.57 -23.00
S SO4 J . 12.43 15.06 -7.94
O1 SO4 J . 11.30 15.39 -7.11
O2 SO4 J . 12.45 13.64 -8.18
O3 SO4 J . 12.34 15.77 -9.18
O4 SO4 J . 13.64 15.44 -7.26
S SO4 K . 16.83 -17.27 17.72
O1 SO4 K . 16.65 -18.70 17.86
O2 SO4 K . 15.60 -16.59 18.06
O3 SO4 K . 17.87 -16.84 18.61
O4 SO4 K . 17.18 -16.96 16.37
S SO4 L . 5.48 -0.52 24.54
O1 SO4 L . 5.53 -1.96 24.64
O2 SO4 L . 5.51 0.05 25.84
O3 SO4 L . 6.62 -0.06 23.79
O4 SO4 L . 4.27 -0.13 23.86
UNK UNX M . -1.84 -6.93 1.56
UNK UNX N . 0.57 -5.72 2.41
UNK UNX O . 0.35 -8.49 1.32
#